data_8RUL
#
_entry.id   8RUL
#
_cell.length_a   89.169
_cell.length_b   95.487
_cell.length_c   224.306
_cell.angle_alpha   90.00
_cell.angle_beta   90.00
_cell.angle_gamma   90.00
#
_symmetry.space_group_name_H-M   'P 21 21 21'
#
loop_
_entity.id
_entity.type
_entity.pdbx_description
1 polymer 'Domains 1-5'
2 non-polymer '4-(2-HYDROXYETHYL)-1-PIPERAZINE ETHANESULFONIC ACID'
3 non-polymer 'MAGNESIUM ION'
4 water water
#
_entity_poly.entity_id   1
_entity_poly.type   'polyribonucleotide'
_entity_poly.pdbx_seq_one_letter_code
;GGGGUGUGCCCGGCAUGGGUGCAGUCUAUAGGGUGAGAGUCCCGAACUGUGAAGGCAGAAGUAACAGUUAGCCUAACGCA
AGGGUGUCCGUGGCGACAUGGAAUCUGAAGGAAGCGGACGGCAAACCUUCGGUCUGAGGAACACGAACUUCAUAUGAGGC
UAGGUAUCAAUGGAUGAGUUUGCAUAACAAAACAAAGUCCUUUCUGCCAAAGUUGGUACAGAGUAAAUGAAGCAGAUUGA
UGAAGGGAAAGACUGCAUUCUUACCCGGGGAGGUCUGGAAACAGAAGUCAGCAGAAGUCAUAGUACCCUGUUCGCAGGGG
AAGGACGGAACAAGUAUGGCGUUCGCGCCUAAGCUUGAACCGCCGUAUACCGAACGGUACGUACGGUGGUGUGG
;
_entity_poly.pdbx_strand_id   A
#